data_2N6V
#
_entry.id   2N6V
#
_entity_poly.entity_id   1
_entity_poly.type   'polypeptide(L)'
_entity_poly.pdbx_seq_one_letter_code
;GPTPMVGLDSVSGQYWDQHAPLAD
;
_entity_poly.pdbx_strand_id   A
#
# COMPACT_ATOMS: atom_id res chain seq x y z
N GLY A 1 -1.83 1.42 2.11
CA GLY A 1 -2.36 0.89 0.87
C GLY A 1 -3.00 -0.49 0.88
N PRO A 2 -3.32 -1.04 -0.30
CA PRO A 2 -4.21 -2.18 -0.42
C PRO A 2 -3.54 -3.55 -0.45
N THR A 3 -2.21 -3.66 -0.35
CA THR A 3 -1.47 -4.89 -0.26
C THR A 3 -1.82 -5.69 0.99
N PRO A 4 -1.33 -6.92 1.21
CA PRO A 4 -1.58 -7.63 2.46
C PRO A 4 -0.47 -7.48 3.49
N MET A 5 0.56 -6.69 3.17
CA MET A 5 1.77 -6.53 3.94
C MET A 5 1.55 -5.50 5.04
N VAL A 6 1.43 -5.90 6.31
CA VAL A 6 1.17 -4.94 7.36
C VAL A 6 2.34 -4.01 7.69
N GLY A 7 2.05 -2.72 7.49
CA GLY A 7 3.02 -1.65 7.57
C GLY A 7 2.49 -0.43 6.83
N LEU A 8 3.35 0.58 6.71
CA LEU A 8 2.99 1.93 6.32
C LEU A 8 2.42 2.05 4.92
N ASP A 9 1.48 2.97 4.72
CA ASP A 9 0.79 3.25 3.48
C ASP A 9 0.97 4.71 3.07
N SER A 10 1.52 4.91 1.88
CA SER A 10 1.68 6.21 1.25
C SER A 10 0.39 7.00 1.05
N VAL A 11 -0.75 6.31 1.07
CA VAL A 11 -2.09 6.87 0.99
C VAL A 11 -2.86 6.70 2.29
N SER A 12 -3.28 5.47 2.60
CA SER A 12 -4.13 5.18 3.75
C SER A 12 -4.38 3.68 3.82
N GLY A 13 -4.65 3.16 5.02
CA GLY A 13 -4.85 1.74 5.25
C GLY A 13 -3.79 1.14 6.18
N GLN A 14 -4.01 -0.08 6.67
CA GLN A 14 -3.15 -0.72 7.64
C GLN A 14 -1.98 -1.47 7.04
N TYR A 15 -1.92 -1.62 5.71
CA TYR A 15 -0.95 -2.38 4.96
C TYR A 15 -0.26 -1.42 4.00
N TRP A 16 0.80 -1.89 3.35
CA TRP A 16 1.57 -1.22 2.33
C TRP A 16 0.75 -0.90 1.09
N ASP A 17 1.18 0.14 0.36
CA ASP A 17 0.79 0.47 -0.99
C ASP A 17 1.55 -0.29 -2.07
N GLN A 18 1.00 -0.21 -3.28
CA GLN A 18 1.45 -0.82 -4.52
C GLN A 18 1.38 0.12 -5.71
N HIS A 19 1.77 1.37 -5.46
CA HIS A 19 1.92 2.37 -6.51
C HIS A 19 3.18 2.22 -7.35
N ALA A 20 3.42 3.13 -8.28
CA ALA A 20 4.38 2.92 -9.36
C ALA A 20 5.51 3.94 -9.41
N PRO A 21 6.54 3.93 -8.56
CA PRO A 21 7.58 4.95 -8.55
C PRO A 21 8.59 4.68 -9.64
N LEU A 22 8.20 4.93 -10.89
CA LEU A 22 9.03 4.86 -12.08
C LEU A 22 10.26 5.76 -12.10
N ALA A 23 11.17 5.53 -13.05
CA ALA A 23 12.26 6.40 -13.45
C ALA A 23 12.66 6.28 -14.91
N ASP A 24 13.18 7.38 -15.45
CA ASP A 24 13.67 7.44 -16.82
C ASP A 24 14.95 8.22 -17.04
N GLY A 1 -1.85 1.17 1.41
CA GLY A 1 -1.98 0.44 0.16
C GLY A 1 -2.79 -0.83 0.23
N PRO A 2 -2.94 -1.62 -0.84
CA PRO A 2 -3.86 -2.75 -0.94
C PRO A 2 -3.21 -4.08 -0.62
N THR A 3 -1.88 -4.10 -0.43
CA THR A 3 -1.15 -5.32 -0.19
C THR A 3 -1.53 -6.06 1.08
N PRO A 4 -1.18 -7.33 1.31
CA PRO A 4 -1.42 -8.02 2.56
C PRO A 4 -0.30 -7.76 3.57
N MET A 5 0.71 -6.93 3.27
CA MET A 5 1.89 -6.65 4.06
C MET A 5 1.57 -5.59 5.09
N VAL A 6 1.19 -5.93 6.34
CA VAL A 6 0.74 -5.02 7.37
C VAL A 6 1.87 -4.08 7.75
N GLY A 7 1.69 -2.79 7.48
CA GLY A 7 2.66 -1.72 7.64
C GLY A 7 2.08 -0.34 7.42
N LEU A 8 2.61 0.43 6.47
CA LEU A 8 2.06 1.74 6.15
C LEU A 8 1.98 2.00 4.65
N ASP A 9 1.04 2.87 4.27
CA ASP A 9 0.61 3.13 2.91
C ASP A 9 1.17 4.45 2.38
N SER A 10 0.87 4.82 1.14
CA SER A 10 1.13 6.12 0.55
C SER A 10 0.23 7.21 1.13
N VAL A 11 -0.97 6.89 1.62
CA VAL A 11 -1.98 7.82 2.07
C VAL A 11 -2.61 7.42 3.39
N SER A 12 -3.28 6.26 3.45
CA SER A 12 -4.10 5.81 4.56
C SER A 12 -4.22 4.29 4.55
N GLY A 13 -4.69 3.75 5.67
CA GLY A 13 -4.78 2.32 5.89
C GLY A 13 -3.51 1.77 6.51
N GLN A 14 -3.57 0.46 6.75
CA GLN A 14 -2.69 -0.29 7.64
C GLN A 14 -1.74 -1.25 6.95
N TYR A 15 -1.68 -1.27 5.61
CA TYR A 15 -0.83 -2.11 4.80
C TYR A 15 0.04 -1.31 3.85
N TRP A 16 1.07 -2.00 3.36
CA TRP A 16 1.92 -1.55 2.26
C TRP A 16 1.23 -1.36 0.92
N ASP A 17 1.94 -0.67 0.02
CA ASP A 17 1.45 -0.26 -1.28
C ASP A 17 2.43 -0.70 -2.36
N GLN A 18 1.87 -0.87 -3.56
CA GLN A 18 2.42 -1.65 -4.65
C GLN A 18 2.64 -0.97 -5.98
N HIS A 19 2.78 0.36 -5.93
CA HIS A 19 3.00 1.14 -7.14
C HIS A 19 4.40 0.99 -7.73
N ALA A 20 4.58 1.44 -8.98
CA ALA A 20 5.68 1.20 -9.87
C ALA A 20 5.66 -0.21 -10.45
N PRO A 21 6.41 -0.52 -11.51
CA PRO A 21 6.61 -1.86 -12.02
C PRO A 21 7.64 -2.64 -11.21
N LEU A 22 7.36 -2.70 -9.91
CA LEU A 22 8.26 -3.31 -8.95
C LEU A 22 8.56 -4.78 -9.20
N ALA A 23 9.71 -5.29 -8.74
CA ALA A 23 10.05 -6.68 -8.55
C ALA A 23 11.23 -6.86 -7.60
N ASP A 24 11.33 -8.08 -7.04
CA ASP A 24 12.35 -8.46 -6.10
C ASP A 24 12.92 -9.84 -6.38
N GLY A 1 -1.56 1.41 1.50
CA GLY A 1 -2.27 0.93 0.33
C GLY A 1 -2.92 -0.45 0.43
N PRO A 2 -3.51 -1.00 -0.62
CA PRO A 2 -4.10 -2.32 -0.63
C PRO A 2 -3.08 -3.42 -0.92
N THR A 3 -2.43 -3.95 0.12
CA THR A 3 -1.68 -5.19 0.09
C THR A 3 -1.91 -6.04 1.33
N PRO A 4 -1.40 -7.27 1.43
CA PRO A 4 -1.44 -8.05 2.65
C PRO A 4 -0.27 -7.78 3.59
N MET A 5 0.69 -6.99 3.10
CA MET A 5 1.88 -6.60 3.85
C MET A 5 1.54 -5.53 4.86
N VAL A 6 1.41 -5.93 6.13
CA VAL A 6 1.13 -4.95 7.17
C VAL A 6 2.25 -3.93 7.24
N GLY A 7 1.89 -2.71 7.62
CA GLY A 7 2.79 -1.58 7.74
C GLY A 7 2.01 -0.27 7.69
N LEU A 8 2.61 0.81 7.17
CA LEU A 8 1.95 2.00 6.67
C LEU A 8 1.89 2.07 5.16
N ASP A 9 1.18 3.04 4.60
CA ASP A 9 0.94 3.23 3.18
C ASP A 9 1.40 4.62 2.74
N SER A 10 1.47 4.80 1.42
CA SER A 10 1.59 6.14 0.90
C SER A 10 0.41 7.07 1.21
N VAL A 11 -0.80 6.54 1.33
CA VAL A 11 -2.05 7.24 1.61
C VAL A 11 -2.59 6.76 2.95
N SER A 12 -3.08 5.52 3.01
CA SER A 12 -3.84 5.04 4.15
C SER A 12 -3.95 3.53 4.29
N GLY A 13 -4.34 3.09 5.49
CA GLY A 13 -4.63 1.70 5.82
C GLY A 13 -3.55 0.93 6.55
N GLN A 14 -3.90 -0.30 6.91
CA GLN A 14 -3.16 -1.26 7.72
C GLN A 14 -1.95 -1.87 7.05
N TYR A 15 -1.75 -1.61 5.75
CA TYR A 15 -0.86 -2.29 4.84
C TYR A 15 -0.15 -1.36 3.86
N TRP A 16 0.91 -1.87 3.24
CA TRP A 16 1.64 -1.24 2.15
C TRP A 16 0.79 -0.99 0.92
N ASP A 17 1.28 -0.15 0.00
CA ASP A 17 0.80 -0.01 -1.36
C ASP A 17 1.58 -0.85 -2.35
N GLN A 18 1.14 -0.81 -3.61
CA GLN A 18 1.86 -1.29 -4.78
C GLN A 18 1.95 -0.21 -5.84
N HIS A 19 1.82 1.05 -5.41
CA HIS A 19 1.99 2.21 -6.25
C HIS A 19 3.39 2.32 -6.82
N ALA A 20 3.42 2.75 -8.09
CA ALA A 20 4.59 2.82 -8.94
C ALA A 20 5.63 1.75 -8.67
N PRO A 21 5.30 0.47 -8.90
CA PRO A 21 6.06 -0.63 -8.34
C PRO A 21 7.41 -0.86 -8.99
N LEU A 22 8.19 -1.77 -8.41
CA LEU A 22 9.53 -2.21 -8.76
C LEU A 22 9.76 -3.70 -8.52
N ALA A 23 10.89 -4.22 -9.01
CA ALA A 23 11.23 -5.62 -9.07
C ALA A 23 12.64 -5.90 -8.56
N ASP A 24 12.98 -5.17 -7.51
CA ASP A 24 14.24 -5.26 -6.79
C ASP A 24 14.52 -6.60 -6.11
N GLY A 1 -1.30 1.39 1.80
CA GLY A 1 -1.72 0.83 0.53
C GLY A 1 -2.73 -0.31 0.45
N PRO A 2 -2.95 -0.85 -0.75
CA PRO A 2 -3.94 -1.87 -0.97
C PRO A 2 -3.49 -3.29 -0.67
N THR A 3 -2.24 -3.56 -0.29
CA THR A 3 -1.70 -4.90 -0.14
C THR A 3 -2.21 -5.60 1.11
N PRO A 4 -1.97 -6.90 1.28
CA PRO A 4 -2.14 -7.59 2.54
C PRO A 4 -0.93 -7.60 3.47
N MET A 5 0.20 -7.01 3.08
CA MET A 5 1.41 -6.91 3.87
C MET A 5 1.32 -5.83 4.95
N VAL A 6 1.22 -6.13 6.24
CA VAL A 6 0.92 -5.16 7.28
C VAL A 6 2.06 -4.15 7.33
N GLY A 7 1.82 -2.86 7.55
CA GLY A 7 2.84 -1.83 7.56
C GLY A 7 2.27 -0.43 7.70
N LEU A 8 2.82 0.47 6.88
CA LEU A 8 2.52 1.87 6.70
C LEU A 8 2.24 2.15 5.23
N ASP A 9 1.44 3.17 4.92
CA ASP A 9 0.98 3.49 3.58
C ASP A 9 0.88 4.99 3.42
N SER A 10 1.14 5.41 2.18
CA SER A 10 1.06 6.81 1.77
C SER A 10 -0.35 7.34 1.54
N VAL A 11 -1.36 6.47 1.42
CA VAL A 11 -2.69 6.77 0.95
C VAL A 11 -3.71 6.08 1.86
N SER A 12 -3.65 4.75 1.96
CA SER A 12 -4.56 3.89 2.68
C SER A 12 -4.19 3.62 4.13
N GLY A 13 -4.83 2.68 4.82
CA GLY A 13 -4.50 2.19 6.14
C GLY A 13 -3.22 1.39 6.23
N GLN A 14 -3.01 0.67 7.34
CA GLN A 14 -1.75 0.13 7.83
C GLN A 14 -1.32 -1.14 7.12
N TYR A 15 -1.16 -1.03 5.80
CA TYR A 15 -0.62 -2.06 4.93
C TYR A 15 0.24 -1.44 3.82
N TRP A 16 1.18 -2.17 3.22
CA TRP A 16 2.11 -1.71 2.21
C TRP A 16 1.38 -1.17 0.99
N ASP A 17 2.06 -0.19 0.36
CA ASP A 17 1.70 0.51 -0.86
C ASP A 17 2.60 0.03 -1.98
N GLN A 18 2.17 -1.04 -2.66
CA GLN A 18 2.72 -1.39 -3.95
C GLN A 18 1.62 -1.72 -4.94
N HIS A 19 1.81 -1.30 -6.20
CA HIS A 19 1.01 -1.51 -7.39
C HIS A 19 -0.48 -1.16 -7.30
N ALA A 20 -0.84 -0.03 -6.69
CA ALA A 20 -2.24 0.33 -6.51
C ALA A 20 -2.98 0.57 -7.83
N PRO A 21 -4.30 0.43 -7.85
CA PRO A 21 -5.07 0.57 -9.07
C PRO A 21 -4.79 1.89 -9.78
N LEU A 22 -4.19 1.78 -10.97
CA LEU A 22 -3.84 2.89 -11.83
C LEU A 22 -2.99 3.94 -11.12
N ALA A 23 -2.19 3.50 -10.15
CA ALA A 23 -1.26 4.24 -9.32
C ALA A 23 0.02 3.47 -9.04
N ASP A 24 0.94 4.09 -8.28
CA ASP A 24 2.17 3.51 -7.80
C ASP A 24 2.37 3.71 -6.31
N GLY A 1 -1.84 1.37 1.87
CA GLY A 1 -2.31 0.69 0.68
C GLY A 1 -2.98 -0.68 0.83
N PRO A 2 -3.32 -1.35 -0.27
CA PRO A 2 -4.17 -2.52 -0.29
C PRO A 2 -3.43 -3.85 -0.31
N THR A 3 -2.10 -3.86 -0.20
CA THR A 3 -1.41 -5.14 -0.19
C THR A 3 -1.53 -5.99 1.06
N PRO A 4 -1.21 -7.29 1.05
CA PRO A 4 -1.14 -8.16 2.21
C PRO A 4 0.11 -7.94 3.08
N MET A 5 0.88 -6.89 2.78
CA MET A 5 2.10 -6.56 3.49
C MET A 5 1.74 -5.59 4.60
N VAL A 6 1.61 -6.02 5.87
CA VAL A 6 1.26 -5.19 6.99
C VAL A 6 2.30 -4.12 7.33
N GLY A 7 1.90 -2.86 7.48
CA GLY A 7 2.80 -1.72 7.58
C GLY A 7 2.24 -0.38 7.14
N LEU A 8 3.02 0.69 6.97
CA LEU A 8 2.59 2.01 6.54
C LEU A 8 2.14 2.07 5.08
N ASP A 9 1.01 2.69 4.76
CA ASP A 9 0.60 2.92 3.38
C ASP A 9 1.31 4.12 2.76
N SER A 10 1.12 4.38 1.46
CA SER A 10 1.55 5.57 0.76
C SER A 10 0.60 6.75 0.91
N VAL A 11 -0.66 6.50 1.29
CA VAL A 11 -1.68 7.47 1.65
C VAL A 11 -2.51 6.97 2.83
N SER A 12 -3.26 5.88 2.70
CA SER A 12 -4.27 5.55 3.69
C SER A 12 -4.45 4.06 3.90
N GLY A 13 -4.96 3.68 5.08
CA GLY A 13 -5.16 2.30 5.48
C GLY A 13 -3.95 1.74 6.22
N GLN A 14 -4.03 0.52 6.73
CA GLN A 14 -3.15 -0.02 7.75
C GLN A 14 -2.22 -1.14 7.31
N TYR A 15 -2.01 -1.24 5.99
CA TYR A 15 -1.02 -1.99 5.26
C TYR A 15 -0.28 -1.23 4.18
N TRP A 16 0.81 -1.74 3.60
CA TRP A 16 1.61 -1.25 2.50
C TRP A 16 0.85 -1.07 1.19
N ASP A 17 1.35 -0.20 0.31
CA ASP A 17 0.88 0.09 -1.02
C ASP A 17 1.70 -0.56 -2.12
N GLN A 18 1.25 -0.54 -3.38
CA GLN A 18 2.01 -1.03 -4.50
C GLN A 18 2.11 -0.03 -5.64
N HIS A 19 1.58 1.17 -5.37
CA HIS A 19 1.19 2.18 -6.36
C HIS A 19 0.28 1.66 -7.45
N ALA A 20 0.01 2.49 -8.46
CA ALA A 20 -1.07 2.36 -9.42
C ALA A 20 -0.87 1.09 -10.24
N PRO A 21 -1.86 0.22 -10.42
CA PRO A 21 -1.75 -1.02 -11.17
C PRO A 21 -1.57 -0.77 -12.66
N LEU A 22 -1.29 -1.85 -13.41
CA LEU A 22 -1.13 -1.81 -14.85
C LEU A 22 -1.45 -3.16 -15.47
N ALA A 23 -1.55 -3.21 -16.79
CA ALA A 23 -1.89 -4.36 -17.62
C ALA A 23 -3.00 -5.22 -17.05
N ASP A 24 -4.22 -4.67 -16.96
CA ASP A 24 -5.42 -5.33 -16.51
C ASP A 24 -5.67 -6.66 -17.21
N GLY A 1 -2.04 1.12 3.30
CA GLY A 1 -1.96 0.74 1.90
C GLY A 1 -2.76 -0.53 1.62
N PRO A 2 -3.05 -0.92 0.39
CA PRO A 2 -3.93 -2.04 0.12
C PRO A 2 -3.42 -3.48 0.10
N THR A 3 -2.11 -3.74 0.20
CA THR A 3 -1.56 -5.07 0.19
C THR A 3 -1.94 -5.99 1.34
N PRO A 4 -1.61 -7.29 1.31
CA PRO A 4 -1.56 -8.20 2.44
C PRO A 4 -0.23 -8.19 3.18
N MET A 5 0.72 -7.30 2.88
CA MET A 5 1.95 -7.10 3.62
C MET A 5 1.68 -6.07 4.71
N VAL A 6 1.89 -6.36 5.99
CA VAL A 6 1.63 -5.43 7.07
C VAL A 6 2.69 -4.34 7.21
N GLY A 7 2.26 -3.08 7.25
CA GLY A 7 3.17 -1.96 7.23
C GLY A 7 2.44 -0.62 7.10
N LEU A 8 3.11 0.39 6.53
CA LEU A 8 2.69 1.74 6.20
C LEU A 8 2.35 1.91 4.72
N ASP A 9 1.34 2.74 4.46
CA ASP A 9 0.91 3.09 3.13
C ASP A 9 1.49 4.40 2.65
N SER A 10 0.93 4.99 1.59
CA SER A 10 1.29 6.32 1.17
C SER A 10 0.19 7.38 1.21
N VAL A 11 -1.12 7.08 1.28
CA VAL A 11 -2.20 8.01 1.50
C VAL A 11 -3.10 7.51 2.63
N SER A 12 -3.59 6.27 2.54
CA SER A 12 -4.56 5.68 3.43
C SER A 12 -4.55 4.16 3.42
N GLY A 13 -5.41 3.53 4.24
CA GLY A 13 -5.32 2.11 4.49
C GLY A 13 -4.39 1.77 5.64
N GLN A 14 -4.10 0.49 5.88
CA GLN A 14 -3.46 -0.03 7.07
C GLN A 14 -2.18 -0.84 6.87
N TYR A 15 -1.88 -1.33 5.68
CA TYR A 15 -0.79 -2.22 5.28
C TYR A 15 0.27 -1.53 4.44
N TRP A 16 1.18 -2.22 3.76
CA TRP A 16 1.93 -1.67 2.65
C TRP A 16 1.01 -1.23 1.52
N ASP A 17 1.45 -0.23 0.75
CA ASP A 17 0.83 0.23 -0.48
C ASP A 17 1.30 -0.53 -1.71
N GLN A 18 0.67 -0.35 -2.88
CA GLN A 18 1.00 -1.02 -4.12
C GLN A 18 0.89 -0.07 -5.30
N HIS A 19 2.05 0.25 -5.89
CA HIS A 19 2.19 1.27 -6.91
C HIS A 19 2.72 0.69 -8.22
N ALA A 20 2.60 1.43 -9.31
CA ALA A 20 3.04 1.05 -10.64
C ALA A 20 3.56 2.26 -11.40
N PRO A 21 4.80 2.67 -11.16
CA PRO A 21 5.40 3.90 -11.64
C PRO A 21 5.90 3.73 -13.07
N LEU A 22 5.02 3.38 -14.00
CA LEU A 22 5.24 3.19 -15.42
C LEU A 22 5.44 4.50 -16.19
N ALA A 23 6.59 4.58 -16.85
CA ALA A 23 7.22 5.72 -17.47
C ALA A 23 7.38 7.01 -16.68
N ASP A 24 8.18 7.94 -17.20
CA ASP A 24 8.67 9.15 -16.58
C ASP A 24 8.78 10.26 -17.61
N GLY A 1 -2.14 1.22 1.45
CA GLY A 1 -2.46 0.53 0.21
C GLY A 1 -3.08 -0.85 0.39
N PRO A 2 -3.43 -1.46 -0.74
CA PRO A 2 -4.23 -2.67 -0.84
C PRO A 2 -3.49 -3.98 -0.70
N THR A 3 -2.19 -3.93 -0.38
CA THR A 3 -1.37 -5.12 -0.23
C THR A 3 -1.69 -5.77 1.12
N PRO A 4 -1.28 -7.02 1.33
CA PRO A 4 -1.33 -7.67 2.63
C PRO A 4 -0.11 -7.36 3.49
N MET A 5 0.87 -6.60 3.01
CA MET A 5 2.06 -6.25 3.76
C MET A 5 1.79 -5.23 4.85
N VAL A 6 1.55 -5.69 6.08
CA VAL A 6 1.31 -4.80 7.20
C VAL A 6 2.45 -3.81 7.43
N GLY A 7 2.14 -2.55 7.71
CA GLY A 7 3.13 -1.50 7.87
C GLY A 7 2.83 -0.13 7.29
N LEU A 8 1.55 0.11 6.97
CA LEU A 8 0.96 1.38 6.61
C LEU A 8 1.24 1.79 5.17
N ASP A 9 0.32 2.53 4.55
CA ASP A 9 0.26 2.82 3.13
C ASP A 9 1.19 3.96 2.70
N SER A 10 1.06 4.37 1.44
CA SER A 10 1.65 5.60 0.96
C SER A 10 1.19 6.84 1.71
N VAL A 11 -0.11 6.93 2.06
CA VAL A 11 -0.63 7.98 2.90
C VAL A 11 -1.51 7.36 3.99
N SER A 12 -2.46 6.51 3.62
CA SER A 12 -3.48 6.02 4.53
C SER A 12 -3.87 4.56 4.33
N GLY A 13 -3.89 3.76 5.39
CA GLY A 13 -4.19 2.34 5.40
C GLY A 13 -3.24 1.59 6.31
N GLN A 14 -3.61 0.39 6.79
CA GLN A 14 -2.77 -0.43 7.65
C GLN A 14 -1.68 -1.24 6.97
N TYR A 15 -1.84 -1.40 5.66
CA TYR A 15 -0.93 -2.14 4.81
C TYR A 15 -0.29 -1.22 3.76
N TRP A 16 0.85 -1.62 3.21
CA TRP A 16 1.61 -0.94 2.18
C TRP A 16 0.79 -0.79 0.91
N ASP A 17 1.27 0.08 0.02
CA ASP A 17 0.90 0.15 -1.37
C ASP A 17 1.84 -0.74 -2.19
N GLN A 18 1.55 -0.98 -3.47
CA GLN A 18 2.41 -1.63 -4.45
C GLN A 18 2.45 -0.80 -5.73
N HIS A 19 3.65 -0.34 -6.07
CA HIS A 19 4.09 0.49 -7.18
C HIS A 19 3.38 1.84 -7.24
N ALA A 20 3.88 2.81 -8.02
CA ALA A 20 3.40 4.17 -8.00
C ALA A 20 3.32 4.71 -9.42
N PRO A 21 2.33 4.26 -10.20
CA PRO A 21 2.11 4.75 -11.54
C PRO A 21 1.38 6.09 -11.51
N LEU A 22 1.17 6.67 -12.70
CA LEU A 22 0.14 7.67 -12.89
C LEU A 22 -1.25 7.10 -12.62
N ALA A 23 -2.19 7.95 -12.23
CA ALA A 23 -3.55 7.54 -11.97
C ALA A 23 -4.50 8.75 -12.00
N ASP A 24 -5.25 8.97 -13.07
CA ASP A 24 -6.44 9.79 -13.20
C ASP A 24 -7.41 9.06 -14.12
N GLY A 1 -1.85 1.46 1.65
CA GLY A 1 -2.37 0.82 0.47
C GLY A 1 -3.13 -0.48 0.73
N PRO A 2 -3.55 -1.28 -0.26
CA PRO A 2 -4.34 -2.48 -0.04
C PRO A 2 -3.57 -3.78 0.02
N THR A 3 -2.25 -3.80 -0.03
CA THR A 3 -1.41 -4.98 -0.10
C THR A 3 -1.61 -5.87 1.11
N PRO A 4 -1.12 -7.12 1.09
CA PRO A 4 -1.10 -7.96 2.27
C PRO A 4 0.13 -7.78 3.16
N MET A 5 0.93 -6.76 2.82
CA MET A 5 2.04 -6.32 3.63
C MET A 5 1.60 -5.32 4.70
N VAL A 6 1.39 -5.81 5.92
CA VAL A 6 0.88 -5.01 7.01
C VAL A 6 1.97 -4.07 7.49
N GLY A 7 1.71 -2.76 7.44
CA GLY A 7 2.64 -1.69 7.72
C GLY A 7 2.19 -0.40 7.05
N LEU A 8 3.10 0.54 6.81
CA LEU A 8 2.81 1.89 6.36
C LEU A 8 2.42 2.02 4.90
N ASP A 9 1.24 2.55 4.58
CA ASP A 9 0.85 2.97 3.25
C ASP A 9 1.32 4.37 2.89
N SER A 10 1.68 4.63 1.63
CA SER A 10 1.88 5.99 1.17
C SER A 10 0.66 6.90 1.22
N VAL A 11 -0.55 6.32 1.23
CA VAL A 11 -1.85 6.96 1.20
C VAL A 11 -2.59 6.66 2.50
N SER A 12 -3.21 5.49 2.64
CA SER A 12 -4.18 5.21 3.68
C SER A 12 -4.22 3.75 4.09
N GLY A 13 -4.77 3.43 5.27
CA GLY A 13 -5.00 2.06 5.68
C GLY A 13 -4.15 1.60 6.86
N GLN A 14 -3.90 0.28 6.85
CA GLN A 14 -3.07 -0.41 7.82
C GLN A 14 -2.05 -1.32 7.18
N TYR A 15 -1.98 -1.46 5.85
CA TYR A 15 -1.03 -2.16 5.02
C TYR A 15 -0.34 -1.24 4.02
N TRP A 16 0.72 -1.68 3.33
CA TRP A 16 1.50 -0.96 2.34
C TRP A 16 0.72 -0.70 1.05
N ASP A 17 1.22 0.25 0.27
CA ASP A 17 0.95 0.35 -1.16
C ASP A 17 2.06 -0.26 -1.99
N GLN A 18 1.75 -0.43 -3.28
CA GLN A 18 2.50 -1.17 -4.27
C GLN A 18 3.03 -0.34 -5.42
N HIS A 19 3.01 0.98 -5.28
CA HIS A 19 3.11 1.99 -6.31
C HIS A 19 2.06 1.88 -7.41
N ALA A 20 1.92 2.98 -8.17
CA ALA A 20 1.03 3.04 -9.31
C ALA A 20 1.38 2.01 -10.37
N PRO A 21 0.40 1.42 -11.07
CA PRO A 21 0.69 0.30 -11.94
C PRO A 21 1.35 0.74 -13.24
N LEU A 22 2.03 -0.17 -13.94
CA LEU A 22 2.41 0.06 -15.32
C LEU A 22 1.25 0.40 -16.24
N ALA A 23 1.52 0.88 -17.46
CA ALA A 23 0.52 1.50 -18.32
C ALA A 23 0.43 0.96 -19.73
N ASP A 24 0.92 -0.25 -20.03
CA ASP A 24 0.74 -0.93 -21.30
C ASP A 24 -0.66 -1.51 -21.52
N GLY A 1 -2.21 1.07 2.71
CA GLY A 1 -1.97 0.77 1.31
C GLY A 1 -2.72 -0.49 0.93
N PRO A 2 -2.94 -0.84 -0.33
CA PRO A 2 -3.83 -1.96 -0.59
C PRO A 2 -3.29 -3.35 -0.35
N THR A 3 -2.02 -3.59 0.01
CA THR A 3 -1.40 -4.90 -0.04
C THR A 3 -1.82 -5.74 1.16
N PRO A 4 -1.53 -7.04 1.20
CA PRO A 4 -1.63 -7.81 2.43
C PRO A 4 -0.43 -7.67 3.36
N MET A 5 0.66 -6.98 3.02
CA MET A 5 1.75 -6.85 3.97
C MET A 5 1.55 -5.77 5.01
N VAL A 6 1.64 -6.10 6.31
CA VAL A 6 1.36 -5.18 7.39
C VAL A 6 2.46 -4.13 7.47
N GLY A 7 2.05 -2.86 7.44
CA GLY A 7 2.87 -1.66 7.51
C GLY A 7 2.29 -0.41 6.88
N LEU A 8 3.10 0.52 6.34
CA LEU A 8 2.71 1.86 5.95
C LEU A 8 2.21 2.00 4.51
N ASP A 9 1.14 2.76 4.28
CA ASP A 9 0.58 3.15 3.00
C ASP A 9 1.23 4.41 2.42
N SER A 10 0.98 4.66 1.14
CA SER A 10 1.22 5.99 0.59
C SER A 10 0.21 7.04 1.03
N VAL A 11 -1.01 6.68 1.45
CA VAL A 11 -2.02 7.65 1.82
C VAL A 11 -2.81 7.13 3.01
N SER A 12 -3.36 5.92 2.89
CA SER A 12 -4.39 5.47 3.79
C SER A 12 -4.56 3.96 3.73
N GLY A 13 -4.84 3.35 4.89
CA GLY A 13 -4.88 1.92 5.14
C GLY A 13 -4.17 1.42 6.38
N GLN A 14 -3.99 0.09 6.45
CA GLN A 14 -3.31 -0.60 7.52
C GLN A 14 -2.08 -1.41 7.12
N TYR A 15 -1.79 -1.47 5.82
CA TYR A 15 -0.84 -2.31 5.12
C TYR A 15 0.10 -1.54 4.22
N TRP A 16 1.07 -2.18 3.54
CA TRP A 16 1.98 -1.60 2.58
C TRP A 16 1.15 -1.25 1.36
N ASP A 17 1.70 -0.34 0.55
CA ASP A 17 1.02 0.16 -0.63
C ASP A 17 1.39 -0.60 -1.89
N GLN A 18 0.54 -0.48 -2.92
CA GLN A 18 0.84 -1.01 -4.22
C GLN A 18 0.37 0.01 -5.26
N HIS A 19 1.34 0.63 -5.93
CA HIS A 19 1.18 1.49 -7.09
C HIS A 19 1.02 0.68 -8.36
N ALA A 20 0.80 1.41 -9.46
CA ALA A 20 0.71 1.00 -10.85
C ALA A 20 1.36 2.02 -11.76
N PRO A 21 1.87 1.70 -12.95
CA PRO A 21 2.30 2.66 -13.95
C PRO A 21 1.15 3.29 -14.72
N LEU A 22 1.48 4.42 -15.33
CA LEU A 22 0.53 5.43 -15.77
C LEU A 22 -0.14 5.09 -17.09
N ALA A 23 -0.27 3.86 -17.59
CA ALA A 23 -0.45 3.47 -18.97
C ALA A 23 -1.75 3.86 -19.68
N ASP A 24 -2.78 4.40 -19.03
CA ASP A 24 -4.03 4.73 -19.69
C ASP A 24 -3.94 5.79 -20.77
N GLY A 1 -1.96 1.17 2.15
CA GLY A 1 -2.40 0.78 0.83
C GLY A 1 -3.10 -0.57 0.75
N PRO A 2 -3.57 -0.94 -0.44
CA PRO A 2 -4.35 -2.16 -0.65
C PRO A 2 -3.42 -3.33 -0.93
N THR A 3 -2.55 -3.72 0.01
CA THR A 3 -1.76 -4.93 -0.07
C THR A 3 -1.89 -5.78 1.19
N PRO A 4 -1.31 -6.99 1.25
CA PRO A 4 -1.31 -7.83 2.42
C PRO A 4 -0.07 -7.70 3.29
N MET A 5 1.02 -7.08 2.81
CA MET A 5 2.21 -6.81 3.59
C MET A 5 1.91 -5.82 4.70
N VAL A 6 1.93 -6.18 5.99
CA VAL A 6 1.53 -5.31 7.08
C VAL A 6 2.64 -4.30 7.37
N GLY A 7 2.24 -3.10 7.76
CA GLY A 7 3.01 -1.88 7.77
C GLY A 7 2.20 -0.61 7.58
N LEU A 8 2.92 0.51 7.45
CA LEU A 8 2.38 1.77 6.99
C LEU A 8 1.93 1.72 5.54
N ASP A 9 1.06 2.67 5.16
CA ASP A 9 0.53 2.94 3.85
C ASP A 9 0.79 4.36 3.38
N SER A 10 1.32 4.51 2.17
CA SER A 10 1.58 5.76 1.48
C SER A 10 0.36 6.61 1.14
N VAL A 11 -0.84 6.03 1.15
CA VAL A 11 -2.08 6.63 0.69
C VAL A 11 -3.09 6.70 1.82
N SER A 12 -3.51 5.55 2.36
CA SER A 12 -4.48 5.51 3.43
C SER A 12 -4.60 4.14 4.10
N GLY A 13 -5.18 4.09 5.30
CA GLY A 13 -5.32 2.91 6.13
C GLY A 13 -3.98 2.31 6.53
N GLN A 14 -3.87 0.98 6.51
CA GLN A 14 -2.71 0.18 6.88
C GLN A 14 -2.26 -0.69 5.72
N TYR A 15 -1.17 -1.43 5.92
CA TYR A 15 -0.49 -2.26 4.94
C TYR A 15 0.22 -1.39 3.92
N TRP A 16 1.21 -1.98 3.23
CA TRP A 16 1.88 -1.34 2.13
C TRP A 16 0.97 -0.86 1.00
N ASP A 17 1.36 0.12 0.20
CA ASP A 17 0.80 0.38 -1.12
C ASP A 17 1.51 -0.24 -2.31
N GLN A 18 0.93 -0.04 -3.49
CA GLN A 18 1.64 -0.31 -4.73
C GLN A 18 1.39 0.79 -5.75
N HIS A 19 1.14 1.98 -5.23
CA HIS A 19 0.63 3.11 -6.00
C HIS A 19 1.62 3.82 -6.91
N ALA A 20 1.07 4.59 -7.84
CA ALA A 20 1.83 5.43 -8.75
C ALA A 20 1.14 6.78 -8.89
N PRO A 21 1.84 7.84 -9.33
CA PRO A 21 1.35 9.21 -9.27
C PRO A 21 0.38 9.56 -10.39
N LEU A 22 -0.55 10.50 -10.24
CA LEU A 22 -1.53 10.83 -11.25
C LEU A 22 -1.10 11.98 -12.17
N ALA A 23 -0.75 11.65 -13.42
CA ALA A 23 -0.26 12.51 -14.46
C ALA A 23 -0.87 12.34 -15.85
N ASP A 24 -1.63 11.27 -16.05
CA ASP A 24 -2.26 10.80 -17.27
C ASP A 24 -3.77 10.94 -17.29
N GLY A 1 -1.35 1.44 1.93
CA GLY A 1 -2.04 0.96 0.75
C GLY A 1 -2.75 -0.38 0.92
N PRO A 2 -3.22 -1.02 -0.16
CA PRO A 2 -4.11 -2.16 -0.15
C PRO A 2 -3.44 -3.52 -0.25
N THR A 3 -2.14 -3.68 0.01
CA THR A 3 -1.46 -4.96 -0.05
C THR A 3 -1.92 -5.92 1.05
N PRO A 4 -1.50 -7.19 1.02
CA PRO A 4 -1.64 -8.08 2.15
C PRO A 4 -0.48 -8.00 3.14
N MET A 5 0.47 -7.07 2.95
CA MET A 5 1.63 -6.86 3.81
C MET A 5 1.35 -5.74 4.80
N VAL A 6 1.16 -6.00 6.09
CA VAL A 6 0.89 -4.99 7.09
C VAL A 6 2.07 -4.01 7.16
N GLY A 7 1.80 -2.71 7.31
CA GLY A 7 2.80 -1.66 7.40
C GLY A 7 2.40 -0.27 6.97
N LEU A 8 3.34 0.67 6.80
CA LEU A 8 3.06 2.04 6.43
C LEU A 8 2.49 2.14 5.02
N ASP A 9 1.68 3.17 4.77
CA ASP A 9 1.07 3.42 3.48
C ASP A 9 1.24 4.86 3.04
N SER A 10 1.55 5.09 1.75
CA SER A 10 1.57 6.41 1.17
C SER A 10 0.23 7.10 1.03
N VAL A 11 -0.90 6.45 1.31
CA VAL A 11 -2.23 7.02 1.23
C VAL A 11 -3.16 6.56 2.35
N SER A 12 -3.39 5.26 2.51
CA SER A 12 -4.47 4.80 3.36
C SER A 12 -4.34 3.40 3.96
N GLY A 13 -5.16 3.10 4.97
CA GLY A 13 -5.22 1.78 5.54
C GLY A 13 -4.16 1.56 6.62
N GLN A 14 -3.68 0.33 6.71
CA GLN A 14 -2.69 -0.08 7.70
C GLN A 14 -1.74 -1.12 7.13
N TYR A 15 -1.72 -1.28 5.80
CA TYR A 15 -0.84 -2.17 5.08
C TYR A 15 0.07 -1.36 4.16
N TRP A 16 1.05 -2.02 3.55
CA TRP A 16 1.91 -1.48 2.51
C TRP A 16 1.14 -1.07 1.27
N ASP A 17 1.78 -0.21 0.47
CA ASP A 17 1.30 0.24 -0.82
C ASP A 17 2.05 -0.44 -1.96
N GLN A 18 1.41 -0.43 -3.13
CA GLN A 18 1.83 -1.15 -4.32
C GLN A 18 1.73 -0.30 -5.58
N HIS A 19 2.68 0.64 -5.67
CA HIS A 19 2.76 1.73 -6.62
C HIS A 19 3.29 1.33 -7.98
N ALA A 20 3.22 0.05 -8.33
CA ALA A 20 3.69 -0.58 -9.55
C ALA A 20 2.76 -1.71 -9.96
N PRO A 21 2.71 -2.16 -11.22
CA PRO A 21 2.00 -3.34 -11.65
C PRO A 21 2.67 -4.63 -11.17
N LEU A 22 1.95 -5.75 -11.23
CA LEU A 22 2.41 -7.06 -10.82
C LEU A 22 1.92 -8.15 -11.76
N ALA A 23 2.48 -9.35 -11.61
CA ALA A 23 1.98 -10.56 -12.23
C ALA A 23 2.25 -11.77 -11.35
N ASP A 24 1.30 -12.16 -10.49
CA ASP A 24 1.19 -13.45 -9.85
C ASP A 24 0.91 -14.57 -10.83
N GLY A 1 -1.67 1.45 1.85
CA GLY A 1 -2.35 1.06 0.63
C GLY A 1 -3.10 -0.26 0.72
N PRO A 2 -3.48 -0.86 -0.41
CA PRO A 2 -4.38 -1.99 -0.42
C PRO A 2 -3.75 -3.36 -0.26
N THR A 3 -2.43 -3.56 -0.19
CA THR A 3 -1.79 -4.86 -0.22
C THR A 3 -1.83 -5.53 1.14
N PRO A 4 -1.46 -6.81 1.28
CA PRO A 4 -1.59 -7.51 2.54
C PRO A 4 -0.41 -7.42 3.49
N MET A 5 0.74 -6.90 3.08
CA MET A 5 1.93 -6.78 3.90
C MET A 5 1.79 -5.73 4.99
N VAL A 6 1.83 -6.14 6.25
CA VAL A 6 1.75 -5.29 7.42
C VAL A 6 2.95 -4.38 7.60
N GLY A 7 2.73 -3.07 7.61
CA GLY A 7 3.77 -2.06 7.59
C GLY A 7 3.23 -0.64 7.60
N LEU A 8 3.40 0.09 6.49
CA LEU A 8 2.88 1.43 6.33
C LEU A 8 2.42 1.75 4.91
N ASP A 9 1.54 2.74 4.75
CA ASP A 9 0.95 3.15 3.50
C ASP A 9 1.19 4.64 3.27
N SER A 10 1.58 5.07 2.07
CA SER A 10 1.68 6.47 1.74
C SER A 10 0.35 7.22 1.67
N VAL A 11 -0.80 6.54 1.67
CA VAL A 11 -2.09 7.12 1.35
C VAL A 11 -3.20 6.61 2.24
N SER A 12 -3.40 5.30 2.40
CA SER A 12 -4.64 4.74 2.86
C SER A 12 -4.52 3.42 3.62
N GLY A 13 -5.62 2.89 4.16
CA GLY A 13 -5.62 1.76 5.06
C GLY A 13 -4.57 1.78 6.15
N GLN A 14 -3.95 0.63 6.42
CA GLN A 14 -2.91 0.45 7.41
C GLN A 14 -1.74 -0.38 6.91
N TYR A 15 -1.93 -1.26 5.93
CA TYR A 15 -0.93 -2.13 5.35
C TYR A 15 -0.25 -1.46 4.16
N TRP A 16 0.76 -2.10 3.56
CA TRP A 16 1.57 -1.62 2.46
C TRP A 16 0.76 -1.13 1.26
N ASP A 17 1.18 -0.01 0.67
CA ASP A 17 0.84 0.30 -0.71
C ASP A 17 1.71 -0.46 -1.71
N GLN A 18 1.20 -0.69 -2.91
CA GLN A 18 1.95 -1.16 -4.06
C GLN A 18 2.68 -0.05 -4.80
N HIS A 19 2.07 1.13 -4.85
CA HIS A 19 2.23 2.21 -5.81
C HIS A 19 3.59 2.89 -5.74
N ALA A 20 4.24 3.03 -6.89
CA ALA A 20 5.56 3.63 -7.05
C ALA A 20 5.69 5.02 -6.46
N PRO A 21 6.61 5.29 -5.53
CA PRO A 21 6.71 6.54 -4.82
C PRO A 21 7.32 7.63 -5.69
N LEU A 22 6.46 8.39 -6.38
CA LEU A 22 6.83 9.54 -7.18
C LEU A 22 7.50 10.66 -6.40
N ALA A 23 8.40 11.38 -7.06
CA ALA A 23 9.26 12.40 -6.49
C ALA A 23 9.29 13.70 -7.28
N ASP A 24 8.23 13.98 -8.02
CA ASP A 24 8.05 15.08 -8.93
C ASP A 24 8.27 16.44 -8.30
N GLY A 1 -1.38 1.45 1.86
CA GLY A 1 -1.88 0.89 0.62
C GLY A 1 -2.67 -0.40 0.75
N PRO A 2 -3.19 -1.00 -0.33
CA PRO A 2 -4.16 -2.08 -0.28
C PRO A 2 -3.63 -3.50 -0.32
N THR A 3 -2.32 -3.70 -0.13
CA THR A 3 -1.73 -5.02 -0.07
C THR A 3 -2.07 -5.77 1.22
N PRO A 4 -1.68 -7.04 1.38
CA PRO A 4 -1.79 -7.73 2.65
C PRO A 4 -0.53 -7.62 3.51
N MET A 5 0.55 -6.96 3.06
CA MET A 5 1.82 -6.84 3.74
C MET A 5 1.69 -5.78 4.83
N VAL A 6 1.83 -6.19 6.09
CA VAL A 6 1.62 -5.25 7.19
C VAL A 6 2.72 -4.21 7.27
N GLY A 7 2.37 -2.93 7.29
CA GLY A 7 3.28 -1.80 7.34
C GLY A 7 2.58 -0.48 7.06
N LEU A 8 3.32 0.60 6.78
CA LEU A 8 2.81 1.91 6.49
C LEU A 8 2.36 2.09 5.04
N ASP A 9 1.63 3.16 4.73
CA ASP A 9 1.05 3.45 3.43
C ASP A 9 1.18 4.92 3.09
N SER A 10 1.61 5.24 1.86
CA SER A 10 1.65 6.60 1.36
C SER A 10 0.31 7.32 1.23
N VAL A 11 -0.81 6.61 1.35
CA VAL A 11 -2.15 7.14 1.18
C VAL A 11 -3.04 6.73 2.36
N SER A 12 -3.36 5.45 2.55
CA SER A 12 -4.50 5.07 3.36
C SER A 12 -4.44 3.61 3.80
N GLY A 13 -5.30 3.17 4.73
CA GLY A 13 -5.35 1.82 5.25
C GLY A 13 -4.26 1.50 6.24
N GLN A 14 -4.01 0.22 6.50
CA GLN A 14 -3.16 -0.29 7.55
C GLN A 14 -2.14 -1.32 7.11
N TYR A 15 -2.01 -1.54 5.80
CA TYR A 15 -1.01 -2.36 5.15
C TYR A 15 -0.21 -1.52 4.16
N TRP A 16 0.83 -2.11 3.56
CA TRP A 16 1.70 -1.55 2.53
C TRP A 16 0.99 -1.12 1.26
N ASP A 17 1.66 -0.28 0.47
CA ASP A 17 1.29 0.13 -0.87
C ASP A 17 2.18 -0.54 -1.90
N GLN A 18 1.57 -0.85 -3.05
CA GLN A 18 2.18 -1.57 -4.14
C GLN A 18 3.14 -0.75 -4.99
N HIS A 19 3.17 0.57 -4.84
CA HIS A 19 4.05 1.49 -5.52
C HIS A 19 5.50 1.33 -5.08
N ALA A 20 6.42 2.01 -5.78
CA ALA A 20 7.79 2.20 -5.34
C ALA A 20 7.96 3.68 -5.01
N PRO A 21 7.60 4.12 -3.80
CA PRO A 21 7.50 5.53 -3.47
C PRO A 21 8.84 6.22 -3.60
N LEU A 22 8.92 7.36 -4.29
CA LEU A 22 10.12 7.97 -4.86
C LEU A 22 10.79 7.06 -5.88
N ALA A 23 11.49 6.03 -5.43
CA ALA A 23 11.94 4.88 -6.20
C ALA A 23 12.41 3.75 -5.31
N ASP A 24 12.54 2.55 -5.89
CA ASP A 24 13.19 1.35 -5.37
C ASP A 24 14.08 0.68 -6.40
N GLY A 1 -1.56 1.31 1.73
CA GLY A 1 -2.15 0.87 0.47
C GLY A 1 -2.87 -0.46 0.51
N PRO A 2 -3.31 -1.00 -0.63
CA PRO A 2 -4.13 -2.20 -0.75
C PRO A 2 -3.47 -3.55 -0.67
N THR A 3 -2.18 -3.65 -0.32
CA THR A 3 -1.43 -4.89 -0.20
C THR A 3 -1.85 -5.77 0.97
N PRO A 4 -1.43 -7.03 1.07
CA PRO A 4 -1.49 -7.85 2.27
C PRO A 4 -0.37 -7.72 3.30
N MET A 5 0.63 -6.89 3.01
CA MET A 5 1.75 -6.66 3.90
C MET A 5 1.36 -5.59 4.92
N VAL A 6 1.20 -5.92 6.20
CA VAL A 6 0.96 -4.95 7.25
C VAL A 6 2.06 -3.89 7.31
N GLY A 7 1.67 -2.64 7.56
CA GLY A 7 2.62 -1.55 7.65
C GLY A 7 2.10 -0.21 7.15
N LEU A 8 3.07 0.68 6.94
CA LEU A 8 2.91 2.02 6.40
C LEU A 8 2.65 2.03 4.90
N ASP A 9 1.55 2.69 4.57
CA ASP A 9 1.03 2.94 3.24
C ASP A 9 1.47 4.32 2.80
N SER A 10 1.42 4.63 1.49
CA SER A 10 1.57 5.95 0.93
C SER A 10 0.34 6.83 1.08
N VAL A 11 -0.85 6.29 1.38
CA VAL A 11 -2.13 6.97 1.44
C VAL A 11 -2.88 6.62 2.71
N SER A 12 -3.30 5.37 2.88
CA SER A 12 -4.40 5.01 3.76
C SER A 12 -4.28 3.56 4.18
N GLY A 13 -5.03 3.20 5.22
CA GLY A 13 -5.14 1.86 5.77
C GLY A 13 -4.01 1.51 6.72
N GLN A 14 -3.70 0.26 7.05
CA GLN A 14 -2.65 -0.22 7.92
C GLN A 14 -1.74 -1.28 7.29
N TYR A 15 -1.62 -1.20 5.96
CA TYR A 15 -0.86 -2.06 5.07
C TYR A 15 -0.07 -1.27 4.05
N TRP A 16 0.88 -1.89 3.36
CA TRP A 16 1.75 -1.29 2.35
C TRP A 16 1.02 -0.83 1.10
N ASP A 17 1.64 0.03 0.30
CA ASP A 17 1.24 0.35 -1.07
C ASP A 17 2.04 -0.29 -2.18
N GLN A 18 1.48 -0.34 -3.40
CA GLN A 18 2.06 -0.95 -4.57
C GLN A 18 3.05 -0.07 -5.31
N HIS A 19 3.10 1.22 -4.96
CA HIS A 19 4.09 2.16 -5.44
C HIS A 19 5.47 1.87 -4.87
N ALA A 20 6.52 2.50 -5.40
CA ALA A 20 7.87 2.46 -4.91
C ALA A 20 8.32 3.91 -4.77
N PRO A 21 8.17 4.52 -3.60
CA PRO A 21 8.71 5.84 -3.34
C PRO A 21 10.23 5.81 -3.25
N LEU A 22 10.84 6.87 -3.77
CA LEU A 22 12.29 6.98 -3.82
C LEU A 22 12.92 7.97 -2.86
N ALA A 23 14.26 8.05 -2.84
CA ALA A 23 15.11 8.99 -2.12
C ALA A 23 14.75 9.10 -0.65
N ASP A 24 14.33 8.04 0.04
CA ASP A 24 14.24 8.04 1.48
C ASP A 24 15.60 8.10 2.18
N GLY A 1 -1.79 1.28 2.14
CA GLY A 1 -2.13 0.77 0.83
C GLY A 1 -2.87 -0.55 0.79
N PRO A 2 -3.28 -1.03 -0.40
CA PRO A 2 -4.13 -2.17 -0.63
C PRO A 2 -3.49 -3.55 -0.56
N THR A 3 -2.28 -3.75 -0.02
CA THR A 3 -1.60 -5.03 0.02
C THR A 3 -2.03 -5.87 1.21
N PRO A 4 -1.61 -7.13 1.30
CA PRO A 4 -1.60 -7.97 2.49
C PRO A 4 -0.41 -7.87 3.42
N MET A 5 0.62 -7.12 3.01
CA MET A 5 1.85 -6.88 3.74
C MET A 5 1.69 -5.78 4.79
N VAL A 6 1.59 -6.11 6.08
CA VAL A 6 1.41 -5.13 7.12
C VAL A 6 2.56 -4.13 7.19
N GLY A 7 2.30 -2.93 7.73
CA GLY A 7 3.19 -1.80 7.65
C GLY A 7 2.55 -0.54 7.08
N LEU A 8 3.30 0.55 6.90
CA LEU A 8 2.85 1.85 6.46
C LEU A 8 2.33 1.98 5.04
N ASP A 9 1.38 2.90 4.88
CA ASP A 9 0.74 3.18 3.61
C ASP A 9 0.91 4.63 3.18
N SER A 10 1.34 4.90 1.94
CA SER A 10 1.47 6.24 1.39
C SER A 10 0.15 6.98 1.25
N VAL A 11 -1.01 6.30 1.30
CA VAL A 11 -2.30 6.88 0.99
C VAL A 11 -3.13 6.95 2.27
N SER A 12 -3.67 5.85 2.79
CA SER A 12 -4.67 5.72 3.84
C SER A 12 -4.71 4.35 4.50
N GLY A 13 -5.42 4.14 5.61
CA GLY A 13 -5.70 2.82 6.16
C GLY A 13 -4.48 2.16 6.77
N GLN A 14 -4.33 0.84 6.58
CA GLN A 14 -3.22 -0.02 6.93
C GLN A 14 -2.70 -0.83 5.74
N TYR A 15 -1.72 -1.68 6.01
CA TYR A 15 -0.84 -2.35 5.08
C TYR A 15 0.01 -1.44 4.20
N TRP A 16 0.99 -2.03 3.52
CA TRP A 16 1.87 -1.49 2.48
C TRP A 16 1.09 -1.08 1.24
N ASP A 17 1.70 -0.22 0.43
CA ASP A 17 1.18 0.28 -0.83
C ASP A 17 1.84 -0.35 -2.05
N GLN A 18 1.19 -0.14 -3.20
CA GLN A 18 1.32 -0.91 -4.43
C GLN A 18 0.78 -0.08 -5.59
N HIS A 19 1.20 -0.33 -6.83
CA HIS A 19 0.37 0.05 -7.96
C HIS A 19 -0.93 -0.75 -7.92
N ALA A 20 -1.84 -0.38 -8.82
CA ALA A 20 -3.22 -0.81 -8.75
C ALA A 20 -3.48 -2.29 -8.53
N PRO A 21 -4.51 -2.67 -7.77
CA PRO A 21 -4.77 -4.02 -7.33
C PRO A 21 -5.13 -5.00 -8.44
N LEU A 22 -4.51 -6.18 -8.49
CA LEU A 22 -4.78 -7.33 -9.32
C LEU A 22 -6.06 -7.98 -8.81
N ALA A 23 -7.17 -7.26 -8.98
CA ALA A 23 -8.36 -7.38 -8.15
C ALA A 23 -9.19 -8.63 -8.40
N ASP A 24 -8.98 -9.42 -9.47
CA ASP A 24 -9.61 -10.67 -9.78
C ASP A 24 -8.68 -11.82 -9.40
N GLY A 1 -2.51 0.90 2.78
CA GLY A 1 -2.96 0.38 1.51
C GLY A 1 -3.71 -0.95 1.55
N PRO A 2 -4.06 -1.44 0.35
CA PRO A 2 -4.82 -2.66 0.17
C PRO A 2 -4.01 -3.95 0.15
N THR A 3 -2.69 -3.86 0.29
CA THR A 3 -1.83 -5.02 0.15
C THR A 3 -1.67 -5.78 1.46
N PRO A 4 -1.23 -7.03 1.44
CA PRO A 4 -1.05 -7.86 2.62
C PRO A 4 0.36 -7.75 3.19
N MET A 5 1.14 -6.77 2.74
CA MET A 5 2.43 -6.45 3.33
C MET A 5 2.27 -5.53 4.54
N VAL A 6 2.60 -5.94 5.77
CA VAL A 6 2.42 -5.13 6.95
C VAL A 6 3.47 -4.03 7.04
N GLY A 7 2.98 -2.79 7.07
CA GLY A 7 3.80 -1.59 6.98
C GLY A 7 2.93 -0.33 6.91
N LEU A 8 3.54 0.83 6.66
CA LEU A 8 2.81 2.07 6.50
C LEU A 8 2.02 2.11 5.20
N ASP A 9 0.86 2.78 5.16
CA ASP A 9 0.07 2.94 3.96
C ASP A 9 0.27 4.32 3.35
N SER A 10 1.03 4.45 2.27
CA SER A 10 1.23 5.71 1.61
C SER A 10 -0.05 6.34 1.05
N VAL A 11 -1.15 5.59 0.94
CA VAL A 11 -2.42 6.07 0.41
C VAL A 11 -3.40 6.28 1.56
N SER A 12 -3.98 5.24 2.13
CA SER A 12 -4.93 5.27 3.23
C SER A 12 -5.20 3.87 3.79
N GLY A 13 -5.92 3.75 4.91
CA GLY A 13 -6.06 2.52 5.68
C GLY A 13 -4.75 2.14 6.35
N GLN A 14 -4.53 0.86 6.62
CA GLN A 14 -3.32 0.31 7.20
C GLN A 14 -2.60 -0.62 6.23
N TYR A 15 -1.50 -1.24 6.63
CA TYR A 15 -0.66 -2.05 5.76
C TYR A 15 -0.08 -1.30 4.57
N TRP A 16 0.76 -1.89 3.73
CA TRP A 16 1.33 -1.21 2.57
C TRP A 16 0.33 -0.84 1.50
N ASP A 17 0.63 0.30 0.86
CA ASP A 17 0.17 0.68 -0.46
C ASP A 17 0.68 -0.23 -1.58
N GLN A 18 0.06 -0.10 -2.76
CA GLN A 18 0.52 -0.54 -4.05
C GLN A 18 0.72 0.65 -4.99
N HIS A 19 1.86 1.33 -4.83
CA HIS A 19 2.24 2.67 -5.21
C HIS A 19 1.40 3.72 -4.50
N ALA A 20 1.85 4.98 -4.53
CA ALA A 20 1.06 6.16 -4.26
C ALA A 20 1.09 6.97 -5.55
N PRO A 21 0.38 6.52 -6.59
CA PRO A 21 0.62 6.95 -7.96
C PRO A 21 0.10 8.33 -8.33
N LEU A 22 0.46 8.81 -9.52
CA LEU A 22 -0.10 9.96 -10.22
C LEU A 22 -1.03 9.53 -11.33
N ALA A 23 -1.68 10.48 -12.00
CA ALA A 23 -2.37 10.23 -13.26
C ALA A 23 -2.19 11.41 -14.20
N ASP A 24 -1.92 12.62 -13.71
CA ASP A 24 -1.74 13.87 -14.41
C ASP A 24 -0.69 14.77 -13.78
N GLY A 1 -1.18 1.44 1.77
CA GLY A 1 -2.07 0.67 0.90
C GLY A 1 -2.69 -0.63 1.34
N PRO A 2 -3.39 -1.30 0.44
CA PRO A 2 -4.13 -2.52 0.70
C PRO A 2 -3.49 -3.89 0.59
N THR A 3 -2.23 -3.94 0.14
CA THR A 3 -1.52 -5.17 -0.12
C THR A 3 -1.28 -5.98 1.13
N PRO A 4 -1.10 -7.30 1.04
CA PRO A 4 -1.17 -8.18 2.18
C PRO A 4 0.05 -8.26 3.09
N MET A 5 0.97 -7.29 3.03
CA MET A 5 2.06 -7.14 3.97
C MET A 5 1.69 -6.02 4.92
N VAL A 6 1.52 -6.26 6.23
CA VAL A 6 1.21 -5.20 7.18
C VAL A 6 2.39 -4.25 7.31
N GLY A 7 2.08 -2.95 7.21
CA GLY A 7 3.05 -1.88 7.15
C GLY A 7 2.48 -0.49 6.90
N LEU A 8 3.23 0.36 6.20
CA LEU A 8 2.89 1.74 5.90
C LEU A 8 2.29 1.92 4.52
N ASP A 9 1.42 2.92 4.37
CA ASP A 9 0.78 3.38 3.15
C ASP A 9 1.11 4.86 2.94
N SER A 10 1.17 5.37 1.72
CA SER A 10 1.53 6.74 1.38
C SER A 10 0.42 7.69 1.78
N VAL A 11 -0.84 7.27 1.66
CA VAL A 11 -2.00 8.11 1.93
C VAL A 11 -3.04 7.47 2.85
N SER A 12 -3.45 6.23 2.60
CA SER A 12 -4.57 5.62 3.27
C SER A 12 -4.52 4.10 3.24
N GLY A 13 -5.05 3.44 4.27
CA GLY A 13 -4.93 2.03 4.58
C GLY A 13 -4.27 1.71 5.92
N GLN A 14 -4.14 0.42 6.25
CA GLN A 14 -3.45 -0.08 7.43
C GLN A 14 -2.31 -1.04 7.12
N TYR A 15 -2.04 -1.34 5.85
CA TYR A 15 -1.07 -2.28 5.32
C TYR A 15 -0.11 -1.60 4.37
N TRP A 16 0.69 -2.36 3.61
CA TRP A 16 1.59 -1.88 2.58
C TRP A 16 0.87 -1.37 1.34
N ASP A 17 1.38 -0.25 0.85
CA ASP A 17 1.20 0.26 -0.50
C ASP A 17 2.00 -0.54 -1.53
N GLN A 18 1.39 -0.89 -2.66
CA GLN A 18 2.08 -1.24 -3.88
C GLN A 18 3.05 -2.42 -3.90
N HIS A 19 3.05 -3.28 -2.88
CA HIS A 19 3.74 -4.55 -2.88
C HIS A 19 3.34 -5.44 -4.05
N ALA A 20 2.06 -5.80 -4.01
CA ALA A 20 1.28 -6.43 -5.06
C ALA A 20 -0.20 -6.51 -4.76
N PRO A 21 -1.08 -6.47 -5.75
CA PRO A 21 -2.46 -6.92 -5.74
C PRO A 21 -2.53 -8.41 -6.04
N LEU A 22 -2.80 -9.19 -4.98
CA LEU A 22 -2.75 -10.63 -5.03
C LEU A 22 -4.12 -11.27 -4.91
N ALA A 23 -4.17 -12.60 -4.93
CA ALA A 23 -5.42 -13.35 -4.83
C ALA A 23 -5.34 -14.64 -4.04
N ASP A 24 -4.15 -15.09 -3.66
CA ASP A 24 -3.76 -16.06 -2.65
C ASP A 24 -4.42 -15.83 -1.30
N GLY A 1 -2.01 1.39 2.31
CA GLY A 1 -2.33 0.87 0.99
C GLY A 1 -3.00 -0.49 0.97
N PRO A 2 -3.31 -1.03 -0.21
CA PRO A 2 -4.08 -2.23 -0.49
C PRO A 2 -3.34 -3.56 -0.58
N THR A 3 -2.03 -3.59 -0.32
CA THR A 3 -1.31 -4.84 -0.24
C THR A 3 -1.82 -5.68 0.90
N PRO A 4 -1.38 -6.95 0.98
CA PRO A 4 -1.53 -7.82 2.13
C PRO A 4 -0.32 -7.78 3.06
N MET A 5 0.65 -6.88 2.88
CA MET A 5 1.81 -6.65 3.72
C MET A 5 1.50 -5.58 4.76
N VAL A 6 1.42 -5.89 6.05
CA VAL A 6 1.12 -4.96 7.13
C VAL A 6 2.28 -4.02 7.36
N GLY A 7 1.98 -2.74 7.59
CA GLY A 7 2.89 -1.62 7.75
C GLY A 7 2.30 -0.31 7.26
N LEU A 8 3.16 0.66 6.89
CA LEU A 8 2.71 1.99 6.53
C LEU A 8 2.34 1.98 5.06
N ASP A 9 1.19 2.62 4.75
CA ASP A 9 0.62 2.85 3.45
C ASP A 9 1.27 4.02 2.73
N SER A 10 0.78 4.38 1.54
CA SER A 10 1.17 5.57 0.80
C SER A 10 0.79 6.87 1.50
N VAL A 11 -0.23 6.90 2.36
CA VAL A 11 -0.73 8.07 3.06
C VAL A 11 -0.82 7.96 4.57
N SER A 12 -1.15 6.78 5.11
CA SER A 12 -1.48 6.55 6.50
C SER A 12 -1.02 5.17 6.98
N GLY A 13 -1.48 4.68 8.13
CA GLY A 13 -1.47 3.28 8.55
C GLY A 13 -2.37 2.41 7.68
N GLN A 14 -2.44 1.13 8.04
CA GLN A 14 -3.12 0.05 7.35
C GLN A 14 -2.43 -0.41 6.06
N TYR A 15 -1.37 -1.20 6.24
CA TYR A 15 -0.70 -1.98 5.22
C TYR A 15 0.08 -1.16 4.19
N TRP A 16 0.99 -1.82 3.50
CA TRP A 16 1.76 -1.27 2.40
C TRP A 16 0.96 -0.95 1.14
N ASP A 17 1.50 -0.04 0.32
CA ASP A 17 0.99 0.38 -0.97
C ASP A 17 1.55 -0.38 -2.16
N GLN A 18 0.88 -0.20 -3.30
CA GLN A 18 1.03 -0.94 -4.53
C GLN A 18 1.06 -0.09 -5.78
N HIS A 19 1.07 1.25 -5.66
CA HIS A 19 0.77 2.23 -6.68
C HIS A 19 -0.61 2.10 -7.31
N ALA A 20 -1.28 0.95 -7.13
CA ALA A 20 -2.62 0.67 -7.57
C ALA A 20 -3.65 1.57 -6.91
N PRO A 21 -4.68 2.01 -7.62
CA PRO A 21 -5.72 2.88 -7.09
C PRO A 21 -6.63 2.16 -6.10
N LEU A 22 -7.52 2.88 -5.41
CA LEU A 22 -8.43 2.31 -4.44
C LEU A 22 -9.51 1.43 -5.03
N ALA A 23 -10.34 0.82 -4.17
CA ALA A 23 -11.26 -0.23 -4.57
C ALA A 23 -10.63 -1.59 -4.83
N ASP A 24 -9.64 -1.98 -4.04
CA ASP A 24 -9.00 -3.27 -4.17
C ASP A 24 -9.80 -4.51 -3.80
N GLY A 1 -1.99 1.34 1.69
CA GLY A 1 -2.50 0.72 0.48
C GLY A 1 -3.14 -0.65 0.69
N PRO A 2 -3.55 -1.30 -0.40
CA PRO A 2 -4.37 -2.49 -0.39
C PRO A 2 -3.60 -3.80 -0.32
N THR A 3 -2.29 -3.78 -0.11
CA THR A 3 -1.47 -4.97 -0.05
C THR A 3 -1.82 -5.91 1.09
N PRO A 4 -1.28 -7.14 1.07
CA PRO A 4 -1.22 -8.03 2.21
C PRO A 4 0.06 -7.85 3.03
N MET A 5 0.77 -6.72 2.93
CA MET A 5 1.99 -6.37 3.63
C MET A 5 1.71 -5.40 4.78
N VAL A 6 1.53 -5.86 6.02
CA VAL A 6 1.40 -4.97 7.15
C VAL A 6 2.50 -3.94 7.26
N GLY A 7 2.19 -2.75 7.77
CA GLY A 7 3.03 -1.57 7.83
C GLY A 7 2.23 -0.30 7.61
N LEU A 8 2.80 0.71 6.93
CA LEU A 8 2.13 1.93 6.56
C LEU A 8 2.06 2.03 5.03
N ASP A 9 0.89 2.53 4.63
CA ASP A 9 0.52 2.84 3.26
C ASP A 9 1.22 4.08 2.75
N SER A 10 1.18 4.31 1.43
CA SER A 10 1.67 5.53 0.81
C SER A 10 0.74 6.71 1.03
N VAL A 11 -0.43 6.49 1.64
CA VAL A 11 -1.49 7.43 1.92
C VAL A 11 -1.85 7.46 3.39
N SER A 12 -2.33 6.34 3.93
CA SER A 12 -2.85 6.25 5.29
C SER A 12 -2.19 5.16 6.12
N GLY A 13 -2.82 4.80 7.25
CA GLY A 13 -2.56 3.58 7.98
C GLY A 13 -3.05 2.32 7.28
N GLN A 14 -2.82 1.16 7.90
CA GLN A 14 -3.25 -0.16 7.47
C GLN A 14 -2.69 -0.58 6.12
N TYR A 15 -1.54 -1.26 6.21
CA TYR A 15 -0.89 -2.02 5.16
C TYR A 15 -0.29 -1.17 4.06
N TRP A 16 0.72 -1.71 3.37
CA TRP A 16 1.49 -1.11 2.30
C TRP A 16 0.70 -0.87 1.01
N ASP A 17 1.31 -0.08 0.11
CA ASP A 17 0.83 0.27 -1.21
C ASP A 17 1.74 -0.30 -2.30
N GLN A 18 1.34 -1.44 -2.86
CA GLN A 18 1.76 -1.90 -4.17
C GLN A 18 0.65 -2.77 -4.75
N HIS A 19 0.33 -2.49 -6.02
CA HIS A 19 -0.81 -2.98 -6.76
C HIS A 19 -2.15 -2.63 -6.12
N ALA A 20 -3.26 -3.12 -6.70
CA ALA A 20 -4.59 -2.88 -6.20
C ALA A 20 -5.48 -4.11 -6.29
N PRO A 21 -5.24 -5.14 -5.48
CA PRO A 21 -6.04 -6.35 -5.42
C PRO A 21 -7.46 -6.04 -5.02
N LEU A 22 -8.40 -6.32 -5.92
CA LEU A 22 -9.83 -6.18 -5.72
C LEU A 22 -10.36 -7.24 -4.75
N ALA A 23 -9.60 -8.26 -4.35
CA ALA A 23 -9.95 -9.16 -3.26
C ALA A 23 -10.21 -8.47 -1.94
N ASP A 24 -10.90 -9.17 -1.03
CA ASP A 24 -11.49 -8.72 0.22
C ASP A 24 -11.01 -9.50 1.44
N GLY A 1 -1.95 1.29 1.77
CA GLY A 1 -2.37 0.80 0.48
C GLY A 1 -3.08 -0.54 0.57
N PRO A 2 -3.34 -1.13 -0.59
CA PRO A 2 -4.20 -2.29 -0.73
C PRO A 2 -3.59 -3.64 -0.36
N THR A 3 -2.26 -3.67 -0.22
CA THR A 3 -1.42 -4.85 -0.11
C THR A 3 -1.69 -5.68 1.15
N PRO A 4 -1.23 -6.93 1.19
CA PRO A 4 -1.34 -7.81 2.32
C PRO A 4 -0.13 -7.72 3.24
N MET A 5 0.75 -6.75 2.99
CA MET A 5 1.94 -6.44 3.75
C MET A 5 1.62 -5.46 4.87
N VAL A 6 1.45 -5.95 6.09
CA VAL A 6 1.10 -5.08 7.20
C VAL A 6 2.27 -4.18 7.59
N GLY A 7 2.00 -2.88 7.76
CA GLY A 7 2.96 -1.83 8.02
C GLY A 7 2.53 -0.39 7.80
N LEU A 8 2.90 0.30 6.71
CA LEU A 8 2.58 1.69 6.47
C LEU A 8 2.19 1.92 5.03
N ASP A 9 1.04 2.52 4.69
CA ASP A 9 0.52 2.86 3.38
C ASP A 9 1.00 4.24 2.96
N SER A 10 1.21 4.44 1.66
CA SER A 10 1.54 5.72 1.06
C SER A 10 0.33 6.62 0.92
N VAL A 11 -0.89 6.20 1.23
CA VAL A 11 -2.18 6.84 1.04
C VAL A 11 -2.97 6.76 2.34
N SER A 12 -3.55 5.60 2.68
CA SER A 12 -4.09 5.32 3.98
C SER A 12 -4.32 3.85 4.30
N GLY A 13 -4.67 3.50 5.54
CA GLY A 13 -4.71 2.13 6.02
C GLY A 13 -3.66 1.82 7.08
N GLN A 14 -3.40 0.56 7.38
CA GLN A 14 -2.26 0.08 8.13
C GLN A 14 -1.37 -0.88 7.35
N TYR A 15 -1.63 -1.07 6.05
CA TYR A 15 -0.91 -1.98 5.17
C TYR A 15 -0.17 -1.20 4.10
N TRP A 16 0.89 -1.70 3.47
CA TRP A 16 1.63 -1.03 2.42
C TRP A 16 0.80 -0.68 1.18
N ASP A 17 1.44 0.04 0.27
CA ASP A 17 0.95 0.36 -1.06
C ASP A 17 1.90 -0.05 -2.17
N GLN A 18 1.33 -0.52 -3.29
CA GLN A 18 2.02 -0.87 -4.52
C GLN A 18 1.43 -0.32 -5.81
N HIS A 19 0.36 0.48 -5.64
CA HIS A 19 -0.55 0.94 -6.67
C HIS A 19 -1.43 -0.19 -7.18
N ALA A 20 -2.26 0.09 -8.20
CA ALA A 20 -3.14 -0.80 -8.93
C ALA A 20 -4.08 -1.61 -8.04
N PRO A 21 -5.01 -0.95 -7.34
CA PRO A 21 -5.90 -1.69 -6.46
C PRO A 21 -6.79 -2.67 -7.22
N LEU A 22 -7.53 -3.48 -6.48
CA LEU A 22 -8.33 -4.59 -6.94
C LEU A 22 -9.72 -4.72 -6.32
N ALA A 23 -10.06 -3.80 -5.41
CA ALA A 23 -11.31 -3.54 -4.71
C ALA A 23 -12.35 -2.81 -5.55
N ASP A 24 -12.46 -3.17 -6.83
CA ASP A 24 -13.40 -2.75 -7.85
C ASP A 24 -14.23 -3.89 -8.41
#